data_8TGS
#
_entry.id   8TGS
#
_cell.length_a   108.080
_cell.length_b   122.420
_cell.length_c   61.240
_cell.angle_alpha   90.00
_cell.angle_beta   105.55
_cell.angle_gamma   90.00
#
_symmetry.space_group_name_H-M   'C 1 2 1'
#
loop_
_entity.id
_entity.type
_entity.pdbx_description
1 polymer 'UTP-monosaccharide-1-phosphate uridylyltransferase'
2 non-polymer "URIDINE-5'-DIPHOSPHATE-GLUCOSE"
3 non-polymer 'VANADATE ION'
4 non-polymer 'MAGNESIUM ION'
5 water water
#
_entity_poly.entity_id   1
_entity_poly.type   'polypeptide(L)'
_entity_poly.pdbx_seq_one_letter_code
;NPSNSNLQALREELCTPGLDQGHLFEGWPETVDECNERQIALLTDLYMFSNMYPGGVAQYIRNGHELLARESEEVDFAAL
EMPPLIFEAPSLHRRTAERTALENAGTAMLCKTVFVLVAGGLGERLGYSSIKVSLPVETATNTTYLAYYLRWAQRVGGKE
VPFVIMTSDDTHDRTLQLLRELQLEVPNLHVLKQGQVFCFADSAAHLALDETGKLLRKPHGHGDVHSLIYNATVKRDVVP
DSGDGTATAQPLVNDWLAAGYESIVFIQDTNAGATITIPISLALSAEHSLDMNFTCIPRVPKEPIGLLCRTKKNSGDPWL
VANVEYNVFAEVSRALNKDGGDEVSDPTGFSPFPGSVNTLVFKLSSYVDRLRESHGIVPEFINPKYSDETRRSFKKPARI
ESLMQDIALLFSEDDYRVGGTVFERFSYQPVKNSLEEAAGLVAQGNGAYCAATGEAAFYELQRRRLKAIGLPLFYSSQPE
VTVAKDAFGVRLFPIIVLDTVCASSGSLDDLARVFPTPEKVHIDQHSTLIVEGRVIIESLELYGALTIRGPTDSMALPHV
VRNAVVRNAGWSVHAILSLCAGRDSRLSEVDRIRGFVLKKTAMAVMDC
;
_entity_poly.pdbx_strand_id   A
#
loop_
_chem_comp.id
_chem_comp.type
_chem_comp.name
_chem_comp.formula
MG non-polymer 'MAGNESIUM ION' 'Mg 2'
UPG non-polymer URIDINE-5'-DIPHOSPHATE-GLUCOSE 'C15 H24 N2 O17 P2'
VO4 non-polymer 'VANADATE ION' 'O4 V -3'
#
# COMPACT_ATOMS: atom_id res chain seq x y z
N ASN A 1 16.85 13.60 -29.33
CA ASN A 1 17.70 14.27 -28.30
C ASN A 1 19.17 13.85 -28.42
N PRO A 2 19.50 12.53 -28.47
CA PRO A 2 20.90 12.11 -28.54
C PRO A 2 21.41 12.06 -29.98
N SER A 3 22.52 12.75 -30.24
CA SER A 3 23.20 12.69 -31.55
C SER A 3 24.08 11.43 -31.58
N ASN A 4 24.48 11.03 -32.78
CA ASN A 4 25.38 9.86 -32.96
C ASN A 4 26.75 10.12 -32.33
N SER A 5 27.15 11.38 -32.24
CA SER A 5 28.46 11.76 -31.63
C SER A 5 28.44 11.43 -30.14
N ASN A 6 27.35 11.75 -29.45
CA ASN A 6 27.21 11.51 -28.00
C ASN A 6 27.10 10.00 -27.74
N LEU A 7 26.53 9.25 -28.69
CA LEU A 7 26.32 7.79 -28.52
C LEU A 7 27.66 7.07 -28.48
N GLN A 8 28.60 7.47 -29.32
CA GLN A 8 29.98 6.89 -29.34
C GLN A 8 30.66 7.25 -28.02
N ALA A 9 30.50 8.48 -27.55
CA ALA A 9 31.15 8.98 -26.31
C ALA A 9 30.70 8.15 -25.11
N LEU A 10 29.41 7.83 -25.03
CA LEU A 10 28.89 6.99 -23.91
C LEU A 10 29.45 5.57 -24.05
N ARG A 11 29.47 5.04 -25.27
CA ARG A 11 30.00 3.67 -25.51
C ARG A 11 31.44 3.58 -25.00
N GLU A 12 32.27 4.56 -25.35
CA GLU A 12 33.69 4.58 -24.93
C GLU A 12 33.75 4.71 -23.41
N GLU A 13 32.89 5.55 -22.84
CA GLU A 13 32.89 5.80 -21.38
C GLU A 13 32.61 4.50 -20.62
N LEU A 14 31.62 3.72 -21.07
CA LEU A 14 31.19 2.48 -20.38
C LEU A 14 32.24 1.37 -20.53
N CYS A 15 33.26 1.55 -21.38
CA CYS A 15 34.33 0.54 -21.57
C CYS A 15 35.55 0.88 -20.72
N THR A 16 35.52 1.98 -19.96
CA THR A 16 36.67 2.41 -19.12
C THR A 16 36.70 1.58 -17.85
N PRO A 17 37.91 1.40 -17.24
CA PRO A 17 38.01 0.65 -15.99
C PRO A 17 37.09 1.26 -14.91
N GLY A 18 36.42 0.38 -14.16
CA GLY A 18 35.40 0.77 -13.19
C GLY A 18 33.98 0.65 -13.74
N LEU A 19 33.80 0.71 -15.05
CA LEU A 19 32.47 0.49 -15.68
C LEU A 19 32.46 -0.87 -16.38
N ASP A 20 33.40 -1.08 -17.31
CA ASP A 20 33.76 -2.41 -17.85
C ASP A 20 32.53 -3.09 -18.50
N GLN A 21 31.83 -2.37 -19.38
CA GLN A 21 30.62 -2.91 -20.05
C GLN A 21 30.96 -3.26 -21.51
N GLY A 22 32.15 -3.79 -21.77
CA GLY A 22 32.57 -4.17 -23.13
C GLY A 22 31.79 -5.37 -23.66
N HIS A 23 31.25 -6.21 -22.78
CA HIS A 23 30.46 -7.40 -23.20
C HIS A 23 29.20 -6.97 -23.96
N LEU A 24 28.74 -5.74 -23.78
CA LEU A 24 27.52 -5.26 -24.49
C LEU A 24 27.82 -5.01 -25.96
N PHE A 25 29.08 -4.78 -26.32
CA PHE A 25 29.46 -4.38 -27.71
C PHE A 25 30.36 -5.43 -28.35
N GLU A 26 30.15 -6.68 -28.01
CA GLU A 26 30.99 -7.75 -28.58
C GLU A 26 30.67 -7.87 -30.07
N GLY A 27 31.69 -7.84 -30.91
CA GLY A 27 31.55 -7.99 -32.37
C GLY A 27 30.90 -6.77 -33.00
N TRP A 28 30.88 -5.64 -32.31
CA TRP A 28 30.30 -4.40 -32.89
C TRP A 28 31.34 -3.72 -33.77
N PRO A 29 30.90 -2.97 -34.80
CA PRO A 29 31.81 -2.14 -35.58
C PRO A 29 32.41 -1.01 -34.75
N GLU A 30 33.60 -0.55 -35.14
CA GLU A 30 34.36 0.46 -34.35
C GLU A 30 33.61 1.78 -34.24
N THR A 31 32.90 2.21 -35.28
CA THR A 31 32.25 3.55 -35.25
C THR A 31 30.73 3.39 -35.11
N VAL A 32 30.09 4.46 -34.70
CA VAL A 32 28.61 4.49 -34.51
C VAL A 32 27.91 4.50 -35.88
N ASP A 33 28.47 5.21 -36.86
CA ASP A 33 27.85 5.37 -38.20
C ASP A 33 27.68 4.02 -38.88
N GLU A 34 28.46 3.00 -38.49
CA GLU A 34 28.39 1.65 -39.11
C GLU A 34 27.40 0.75 -38.37
N CYS A 35 26.81 1.23 -37.27
CA CYS A 35 25.97 0.33 -36.41
C CYS A 35 24.59 0.02 -37.00
N ASN A 36 24.02 -1.12 -36.61
CA ASN A 36 22.67 -1.53 -37.04
C ASN A 36 21.64 -0.71 -36.30
N GLU A 37 20.36 -1.06 -36.45
CA GLU A 37 19.28 -0.33 -35.78
C GLU A 37 19.23 -0.76 -34.31
N ARG A 38 19.37 -2.06 -34.06
CA ARG A 38 19.27 -2.60 -32.68
C ARG A 38 20.38 -2.03 -31.79
N GLN A 39 21.59 -1.92 -32.33
CA GLN A 39 22.73 -1.37 -31.58
C GLN A 39 22.46 0.10 -31.23
N ILE A 40 21.93 0.84 -32.21
CA ILE A 40 21.62 2.28 -31.96
C ILE A 40 20.59 2.33 -30.85
N ALA A 41 19.62 1.42 -30.92
CA ALA A 41 18.54 1.40 -29.91
C ALA A 41 19.11 1.13 -28.52
N LEU A 42 20.04 0.19 -28.38
CA LEU A 42 20.71 -0.10 -27.09
C LEU A 42 21.42 1.15 -26.56
N LEU A 43 22.19 1.81 -27.42
CA LEU A 43 22.91 2.98 -26.88
C LEU A 43 21.88 4.05 -26.45
N THR A 44 20.80 4.09 -27.22
CA THR A 44 19.74 5.07 -26.95
C THR A 44 19.12 4.70 -25.61
N ASP A 45 18.83 3.43 -25.37
CA ASP A 45 18.29 2.99 -24.07
C ASP A 45 19.24 3.51 -22.98
N LEU A 46 20.52 3.16 -23.11
CA LEU A 46 21.54 3.57 -22.11
C LEU A 46 21.58 5.09 -21.98
N TYR A 47 21.64 5.81 -23.08
CA TYR A 47 21.80 7.29 -23.01
C TYR A 47 20.59 7.93 -22.33
N MET A 48 19.39 7.42 -22.61
CA MET A 48 18.15 8.02 -22.05
C MET A 48 18.01 7.59 -20.58
N PHE A 49 18.81 6.64 -20.11
CA PHE A 49 18.77 6.24 -18.68
C PHE A 49 19.24 7.42 -17.83
N SER A 50 20.16 8.24 -18.37
CA SER A 50 20.62 9.44 -17.65
C SER A 50 19.41 10.35 -17.36
N ASN A 51 18.49 10.44 -18.33
CA ASN A 51 17.29 11.30 -18.17
C ASN A 51 16.42 10.77 -17.02
N MET A 52 16.19 9.46 -16.97
CA MET A 52 15.28 8.89 -15.94
C MET A 52 16.03 8.62 -14.63
N TYR A 53 17.29 8.16 -14.70
CA TYR A 53 18.02 7.79 -13.47
C TYR A 53 19.15 8.79 -13.20
N PRO A 54 19.30 9.28 -11.95
CA PRO A 54 20.35 10.25 -11.61
C PRO A 54 21.73 9.86 -12.13
N GLY A 55 22.36 10.74 -12.92
CA GLY A 55 23.71 10.47 -13.42
C GLY A 55 23.74 9.43 -14.51
N GLY A 56 22.57 8.88 -14.89
CA GLY A 56 22.50 7.93 -16.00
C GLY A 56 23.05 6.57 -15.64
N VAL A 57 23.33 5.78 -16.68
CA VAL A 57 23.71 4.36 -16.52
C VAL A 57 25.10 4.27 -15.88
N ALA A 58 25.99 5.22 -16.17
CA ALA A 58 27.35 5.23 -15.59
C ALA A 58 27.22 5.34 -14.07
N GLN A 59 26.41 6.28 -13.58
CA GLN A 59 26.24 6.47 -12.12
C GLN A 59 25.51 5.27 -11.52
N TYR A 60 24.60 4.65 -12.28
CA TYR A 60 23.85 3.46 -11.81
C TYR A 60 24.84 2.32 -11.51
N ILE A 61 25.80 2.10 -12.40
CA ILE A 61 26.83 1.03 -12.22
C ILE A 61 27.69 1.37 -11.00
N ARG A 62 28.11 2.61 -10.88
CA ARG A 62 28.96 3.04 -9.74
C ARG A 62 28.21 2.82 -8.42
N ASN A 63 26.92 3.15 -8.39
CA ASN A 63 26.06 2.89 -7.21
C ASN A 63 25.98 1.39 -6.95
N GLY A 64 25.89 0.59 -8.00
CA GLY A 64 25.84 -0.88 -7.87
C GLY A 64 27.05 -1.41 -7.12
N HIS A 65 28.25 -0.96 -7.51
CA HIS A 65 29.52 -1.38 -6.86
C HIS A 65 29.48 -1.03 -5.38
N GLU A 66 29.07 0.19 -5.07
CA GLU A 66 28.99 0.64 -3.65
C GLU A 66 28.02 -0.25 -2.88
N LEU A 67 26.85 -0.54 -3.45
CA LEU A 67 25.79 -1.30 -2.74
C LEU A 67 26.17 -2.78 -2.69
N LEU A 68 26.73 -3.33 -3.77
CA LEU A 68 27.12 -4.76 -3.80
C LEU A 68 28.22 -5.01 -2.77
N ALA A 69 29.17 -4.07 -2.64
CA ALA A 69 30.22 -4.16 -1.60
C ALA A 69 29.54 -4.11 -0.22
N ARG A 70 28.57 -3.21 -0.03
CA ARG A 70 27.93 -3.06 1.30
C ARG A 70 27.11 -4.30 1.63
N GLU A 71 26.48 -4.89 0.63
CA GLU A 71 25.64 -6.10 0.83
C GLU A 71 26.51 -7.31 1.19
N SER A 72 27.81 -7.27 0.90
CA SER A 72 28.69 -8.44 1.17
C SER A 72 29.13 -8.40 2.63
N GLU A 73 28.91 -7.28 3.30
CA GLU A 73 29.33 -7.11 4.70
C GLU A 73 28.16 -7.41 5.63
N GLU A 74 28.43 -7.99 6.78
CA GLU A 74 27.35 -8.26 7.77
C GLU A 74 26.88 -6.92 8.32
N VAL A 75 25.58 -6.69 8.30
CA VAL A 75 25.03 -5.40 8.77
C VAL A 75 25.23 -5.30 10.27
N ASP A 76 25.44 -4.09 10.75
CA ASP A 76 25.59 -3.82 12.20
C ASP A 76 25.13 -2.40 12.48
N PHE A 77 24.36 -2.25 13.56
CA PHE A 77 23.93 -0.92 14.06
C PHE A 77 24.70 -0.65 15.34
N ALA A 78 25.20 0.58 15.49
CA ALA A 78 25.91 1.01 16.71
C ALA A 78 24.95 0.95 17.91
N ALA A 79 23.70 1.34 17.72
CA ALA A 79 22.67 1.34 18.79
C ALA A 79 21.29 1.13 18.19
N LEU A 80 20.46 0.37 18.91
CA LEU A 80 19.11 -0.03 18.47
C LEU A 80 18.20 -0.11 19.68
N GLU A 81 17.29 0.87 19.83
CA GLU A 81 16.37 0.90 20.99
C GLU A 81 15.01 1.42 20.55
N MET A 82 14.10 1.48 21.51
CA MET A 82 12.72 1.98 21.29
C MET A 82 12.78 3.43 20.84
N PRO A 83 11.96 3.82 19.85
CA PRO A 83 11.84 5.22 19.47
C PRO A 83 11.25 6.03 20.62
N PRO A 84 11.74 7.26 20.86
CA PRO A 84 11.22 8.07 21.96
C PRO A 84 9.72 8.37 21.83
N LEU A 85 9.25 8.63 20.61
CA LEU A 85 7.86 9.11 20.39
C LEU A 85 6.99 7.95 19.91
N ILE A 86 6.39 7.25 20.87
CA ILE A 86 5.44 6.14 20.58
C ILE A 86 4.15 6.45 21.32
N PHE A 87 3.04 6.31 20.63
CA PHE A 87 1.70 6.61 21.19
C PHE A 87 0.77 5.46 20.88
N GLU A 88 0.09 4.96 21.91
CA GLU A 88 -0.81 3.82 21.78
C GLU A 88 -2.18 4.34 21.31
N ALA A 89 -2.67 3.83 20.19
CA ALA A 89 -4.00 4.22 19.66
C ALA A 89 -5.09 3.46 20.42
N PRO A 90 -6.21 4.11 20.73
CA PRO A 90 -7.33 3.43 21.36
C PRO A 90 -8.02 2.46 20.40
N SER A 91 -8.81 1.58 20.99
CA SER A 91 -9.45 0.47 20.25
C SER A 91 -10.46 1.04 19.25
N LEU A 92 -10.55 0.42 18.08
CA LEU A 92 -11.51 0.81 17.02
C LEU A 92 -12.92 0.30 17.34
N HIS A 93 -13.10 -0.62 18.28
CA HIS A 93 -14.43 -1.17 18.63
C HIS A 93 -14.94 -0.66 19.99
N ARG A 94 -14.32 0.36 20.56
CA ARG A 94 -14.78 0.96 21.83
C ARG A 94 -15.03 2.45 21.59
N ARG A 95 -16.28 2.87 21.83
CA ARG A 95 -16.65 4.29 21.65
C ARG A 95 -16.34 5.06 22.93
N THR A 96 -15.04 5.21 23.22
CA THR A 96 -14.59 6.02 24.38
C THR A 96 -14.53 7.51 23.98
N ALA A 97 -14.45 8.36 24.98
CA ALA A 97 -14.37 9.83 24.77
C ALA A 97 -13.09 10.13 24.00
N GLU A 98 -12.01 9.42 24.32
CA GLU A 98 -10.72 9.59 23.59
C GLU A 98 -10.96 9.19 22.14
N ARG A 99 -11.58 8.03 21.92
CA ARG A 99 -11.75 7.54 20.53
C ARG A 99 -12.61 8.55 19.76
N THR A 100 -13.69 9.01 20.38
CA THR A 100 -14.61 9.99 19.73
C THR A 100 -13.85 11.27 19.41
N ALA A 101 -13.08 11.78 20.36
CA ALA A 101 -12.32 13.05 20.19
C ALA A 101 -11.28 12.88 19.07
N LEU A 102 -10.55 11.78 19.06
CA LEU A 102 -9.47 11.55 18.04
C LEU A 102 -10.10 11.38 16.65
N GLU A 103 -11.19 10.63 16.55
CA GLU A 103 -11.89 10.44 15.25
C GLU A 103 -12.40 11.78 14.70
N ASN A 104 -13.01 12.60 15.55
CA ASN A 104 -13.62 13.88 15.09
C ASN A 104 -12.53 14.89 14.71
N ALA A 105 -11.44 14.94 15.46
CA ALA A 105 -10.29 15.78 15.10
C ALA A 105 -9.70 15.30 13.76
N GLY A 106 -9.45 14.01 13.60
CA GLY A 106 -8.82 13.45 12.39
C GLY A 106 -9.73 13.61 11.18
N THR A 107 -11.05 13.47 11.36
CA THR A 107 -12.00 13.66 10.24
C THR A 107 -11.93 15.10 9.70
N ALA A 108 -11.81 16.09 10.56
CA ALA A 108 -11.64 17.51 10.14
C ALA A 108 -10.33 17.65 9.37
N MET A 109 -9.26 17.02 9.84
CA MET A 109 -7.93 17.14 9.17
C MET A 109 -7.94 16.40 7.83
N LEU A 110 -8.86 15.44 7.63
CA LEU A 110 -8.98 14.74 6.32
C LEU A 110 -9.43 15.72 5.23
N CYS A 111 -10.08 16.83 5.60
CA CYS A 111 -10.49 17.85 4.59
C CYS A 111 -9.25 18.55 4.02
N LYS A 112 -8.12 18.49 4.72
CA LYS A 112 -6.86 19.17 4.31
C LYS A 112 -5.75 18.15 4.13
N THR A 113 -6.06 17.00 3.55
CA THR A 113 -5.06 15.92 3.37
C THR A 113 -4.90 15.60 1.89
N VAL A 114 -3.66 15.45 1.46
CA VAL A 114 -3.32 14.82 0.16
C VAL A 114 -3.15 13.31 0.35
N PHE A 115 -3.63 12.52 -0.61
CA PHE A 115 -3.57 11.04 -0.54
C PHE A 115 -2.69 10.52 -1.67
N VAL A 116 -1.79 9.59 -1.31
CA VAL A 116 -0.89 8.93 -2.27
C VAL A 116 -1.01 7.41 -2.12
N LEU A 117 -1.20 6.73 -3.25
CA LEU A 117 -1.33 5.26 -3.29
C LEU A 117 -0.25 4.70 -4.20
N VAL A 118 0.55 3.80 -3.65
CA VAL A 118 1.62 3.12 -4.43
C VAL A 118 1.03 1.82 -4.96
N ALA A 119 0.97 1.71 -6.28
CA ALA A 119 0.31 0.58 -6.96
C ALA A 119 1.10 0.18 -8.19
N GLY A 120 2.42 0.07 -8.06
CA GLY A 120 3.27 -0.39 -9.17
C GLY A 120 3.59 -1.88 -9.10
N GLY A 121 3.32 -2.53 -7.97
CA GLY A 121 3.73 -3.93 -7.72
C GLY A 121 2.79 -4.91 -8.36
N LEU A 122 3.31 -6.09 -8.72
CA LEU A 122 2.53 -7.18 -9.36
C LEU A 122 1.87 -8.09 -8.33
N GLY A 123 2.67 -8.73 -7.48
CA GLY A 123 2.17 -9.81 -6.60
C GLY A 123 1.49 -10.91 -7.41
N GLU A 124 2.13 -11.39 -8.48
CA GLU A 124 1.65 -12.58 -9.23
C GLU A 124 1.74 -13.82 -8.34
N ARG A 125 2.55 -13.76 -7.28
CA ARG A 125 2.65 -14.87 -6.29
C ARG A 125 1.30 -15.16 -5.64
N LEU A 126 0.32 -14.27 -5.84
CA LEU A 126 -1.03 -14.43 -5.23
C LEU A 126 -1.80 -15.50 -6.00
N GLY A 127 -1.43 -15.76 -7.25
CA GLY A 127 -2.29 -16.51 -8.19
C GLY A 127 -3.26 -15.60 -8.92
N TYR A 128 -2.99 -14.29 -8.95
CA TYR A 128 -3.87 -13.29 -9.60
C TYR A 128 -3.08 -12.63 -10.73
N SER A 129 -3.57 -12.78 -11.95
CA SER A 129 -2.84 -12.37 -13.17
C SER A 129 -3.12 -10.90 -13.51
N SER A 130 -4.01 -10.26 -12.80
CA SER A 130 -4.32 -8.82 -13.02
C SER A 130 -3.73 -7.97 -11.89
N ILE A 131 -4.01 -6.68 -11.92
CA ILE A 131 -3.43 -5.71 -10.96
C ILE A 131 -4.16 -5.83 -9.64
N LYS A 132 -3.44 -5.60 -8.56
CA LYS A 132 -3.94 -5.87 -7.20
C LYS A 132 -5.05 -4.90 -6.79
N VAL A 133 -5.03 -3.65 -7.28
CA VAL A 133 -6.12 -2.68 -6.96
C VAL A 133 -7.41 -3.06 -7.68
N SER A 134 -7.38 -3.98 -8.63
CA SER A 134 -8.62 -4.56 -9.24
C SER A 134 -9.19 -5.68 -8.37
N LEU A 135 -8.46 -6.11 -7.35
CA LEU A 135 -8.98 -7.15 -6.41
C LEU A 135 -10.18 -6.57 -5.67
N PRO A 136 -11.23 -7.37 -5.44
CA PRO A 136 -12.34 -6.92 -4.63
C PRO A 136 -11.95 -6.93 -3.15
N VAL A 137 -12.37 -5.89 -2.44
CA VAL A 137 -12.24 -5.81 -0.97
C VAL A 137 -13.11 -6.90 -0.37
N GLU A 138 -14.27 -7.13 -1.00
CA GLU A 138 -15.20 -8.22 -0.63
C GLU A 138 -16.06 -8.56 -1.84
N THR A 139 -16.49 -9.79 -1.91
CA THR A 139 -17.25 -10.28 -3.07
C THR A 139 -18.76 -10.08 -2.90
N ALA A 140 -19.21 -9.64 -1.75
CA ALA A 140 -20.62 -9.27 -1.57
C ALA A 140 -21.00 -8.13 -2.53
N THR A 141 -20.17 -7.10 -2.64
CA THR A 141 -20.42 -5.96 -3.56
C THR A 141 -19.39 -5.91 -4.69
N ASN A 142 -18.29 -6.67 -4.56
CA ASN A 142 -17.20 -6.71 -5.57
C ASN A 142 -16.55 -5.34 -5.75
N THR A 143 -16.66 -4.47 -4.77
CA THR A 143 -15.96 -3.16 -4.79
C THR A 143 -14.44 -3.37 -4.82
N THR A 144 -13.79 -2.83 -5.85
CA THR A 144 -12.32 -2.91 -6.01
C THR A 144 -11.62 -2.09 -4.94
N TYR A 145 -10.37 -2.44 -4.70
CA TYR A 145 -9.51 -1.63 -3.79
C TYR A 145 -9.36 -0.21 -4.36
N LEU A 146 -9.21 -0.09 -5.68
CA LEU A 146 -9.06 1.26 -6.32
C LEU A 146 -10.30 2.13 -6.03
N ALA A 147 -11.50 1.60 -6.22
CA ALA A 147 -12.73 2.36 -5.98
C ALA A 147 -12.91 2.63 -4.50
N TYR A 148 -12.56 1.68 -3.63
CA TYR A 148 -12.69 1.87 -2.17
C TYR A 148 -11.92 3.14 -1.76
N TYR A 149 -10.62 3.14 -2.01
CA TYR A 149 -9.77 4.26 -1.57
C TYR A 149 -10.29 5.56 -2.18
N LEU A 150 -10.51 5.58 -3.50
CA LEU A 150 -10.91 6.83 -4.19
C LEU A 150 -12.23 7.35 -3.63
N ARG A 151 -13.22 6.47 -3.44
CA ARG A 151 -14.53 6.99 -2.99
C ARG A 151 -14.42 7.48 -1.54
N TRP A 152 -13.66 6.79 -0.69
CA TRP A 152 -13.47 7.31 0.69
C TRP A 152 -12.81 8.68 0.64
N ALA A 153 -11.78 8.81 -0.18
CA ALA A 153 -11.03 10.08 -0.23
C ALA A 153 -11.98 11.17 -0.72
N GLN A 154 -12.81 10.91 -1.73
CA GLN A 154 -13.68 12.01 -2.22
C GLN A 154 -14.69 12.33 -1.13
N ARG A 155 -15.24 11.33 -0.47
CA ARG A 155 -16.21 11.58 0.64
C ARG A 155 -15.58 12.45 1.73
N VAL A 156 -14.32 12.23 2.07
CA VAL A 156 -13.74 12.97 3.23
C VAL A 156 -13.06 14.28 2.80
N GLY A 157 -12.76 14.46 1.52
CA GLY A 157 -12.00 15.66 1.10
C GLY A 157 -12.76 16.40 0.03
N GLY A 158 -13.89 15.83 -0.34
CA GLY A 158 -14.67 16.39 -1.45
C GLY A 158 -14.24 15.78 -2.77
N LYS A 159 -14.98 16.03 -3.84
CA LYS A 159 -14.67 15.44 -5.16
C LYS A 159 -13.32 15.97 -5.66
N GLU A 160 -12.96 17.20 -5.28
CA GLU A 160 -11.72 17.85 -5.75
C GLU A 160 -10.50 17.40 -4.91
N VAL A 161 -10.62 16.31 -4.15
CA VAL A 161 -9.52 15.86 -3.25
C VAL A 161 -8.29 15.55 -4.09
N PRO A 162 -7.09 16.02 -3.68
CA PRO A 162 -5.88 15.69 -4.41
C PRO A 162 -5.45 14.24 -4.13
N PHE A 163 -5.22 13.50 -5.21
CA PHE A 163 -4.95 12.05 -5.14
C PHE A 163 -3.86 11.72 -6.13
N VAL A 164 -2.86 10.99 -5.65
CA VAL A 164 -1.75 10.48 -6.48
C VAL A 164 -1.80 8.95 -6.48
N ILE A 165 -1.64 8.36 -7.64
CA ILE A 165 -1.43 6.91 -7.80
C ILE A 165 -0.13 6.70 -8.57
N MET A 166 0.80 5.99 -7.94
CA MET A 166 2.03 5.53 -8.63
C MET A 166 1.75 4.18 -9.28
N THR A 167 2.05 4.11 -10.56
CA THR A 167 1.94 2.88 -11.35
C THR A 167 3.30 2.50 -11.89
N SER A 168 3.34 1.39 -12.62
CA SER A 168 4.57 0.91 -13.27
C SER A 168 4.21 0.42 -14.66
N ASP A 169 5.21 0.01 -15.42
CA ASP A 169 5.00 -0.55 -16.77
C ASP A 169 4.07 -1.76 -16.70
N ASP A 170 4.12 -2.50 -15.58
CA ASP A 170 3.26 -3.68 -15.38
C ASP A 170 1.80 -3.28 -15.07
N THR A 171 1.54 -2.15 -14.43
CA THR A 171 0.16 -1.84 -13.94
C THR A 171 -0.49 -0.59 -14.54
N HIS A 172 0.20 0.23 -15.31
CA HIS A 172 -0.34 1.54 -15.77
C HIS A 172 -1.59 1.43 -16.63
N ASP A 173 -1.50 0.77 -17.77
CA ASP A 173 -2.64 0.68 -18.72
C ASP A 173 -3.84 0.05 -18.04
N ARG A 174 -3.63 -1.02 -17.27
CA ARG A 174 -4.77 -1.71 -16.61
C ARG A 174 -5.39 -0.78 -15.58
N THR A 175 -4.60 -0.02 -14.85
CA THR A 175 -5.12 0.97 -13.87
C THR A 175 -5.99 2.02 -14.57
N LEU A 176 -5.52 2.56 -15.69
CA LEU A 176 -6.27 3.61 -16.43
C LEU A 176 -7.59 3.01 -16.94
N GLN A 177 -7.52 1.78 -17.46
CA GLN A 177 -8.73 1.08 -17.98
C GLN A 177 -9.74 0.87 -16.84
N LEU A 178 -9.28 0.48 -15.65
CA LEU A 178 -10.18 0.23 -14.48
C LEU A 178 -10.84 1.56 -14.08
N LEU A 179 -10.07 2.65 -14.06
CA LEU A 179 -10.66 3.98 -13.77
C LEU A 179 -11.78 4.28 -14.77
N ARG A 180 -11.54 4.00 -16.05
CA ARG A 180 -12.54 4.32 -17.11
C ARG A 180 -13.79 3.46 -16.89
N GLU A 181 -13.61 2.16 -16.65
CA GLU A 181 -14.70 1.16 -16.50
C GLU A 181 -15.57 1.46 -15.27
N LEU A 182 -15.00 1.96 -14.18
CA LEU A 182 -15.77 2.28 -12.94
C LEU A 182 -16.39 3.66 -13.08
N GLN A 183 -16.04 4.38 -14.16
CA GLN A 183 -16.63 5.74 -14.40
C GLN A 183 -16.33 6.63 -13.20
N LEU A 184 -15.12 6.53 -12.66
CA LEU A 184 -14.68 7.39 -11.55
C LEU A 184 -14.24 8.75 -12.10
N GLU A 185 -14.74 9.82 -11.52
CA GLU A 185 -14.46 11.20 -11.96
C GLU A 185 -13.69 11.90 -10.86
N VAL A 186 -12.36 11.94 -10.99
CA VAL A 186 -11.47 12.53 -9.96
C VAL A 186 -10.68 13.65 -10.62
N PRO A 187 -11.15 14.91 -10.51
CA PRO A 187 -10.54 16.03 -11.22
C PRO A 187 -9.06 16.26 -10.85
N ASN A 188 -8.70 16.06 -9.58
CA ASN A 188 -7.30 16.27 -9.10
C ASN A 188 -6.56 14.95 -8.86
N LEU A 189 -6.83 13.92 -9.66
CA LEU A 189 -6.04 12.69 -9.62
C LEU A 189 -4.81 12.87 -10.51
N HIS A 190 -3.64 12.52 -9.99
CA HIS A 190 -2.39 12.45 -10.77
C HIS A 190 -1.87 11.00 -10.72
N VAL A 191 -1.85 10.31 -11.86
CA VAL A 191 -1.21 8.98 -12.09
C VAL A 191 0.22 9.19 -12.60
N LEU A 192 1.20 8.77 -11.80
CA LEU A 192 2.64 8.92 -12.11
C LEU A 192 3.27 7.54 -12.26
N LYS A 193 3.84 7.27 -13.42
CA LYS A 193 4.40 5.96 -13.77
C LYS A 193 5.89 5.93 -13.47
N GLN A 194 6.30 5.03 -12.60
CA GLN A 194 7.73 4.82 -12.29
C GLN A 194 8.38 4.07 -13.45
N GLY A 195 9.67 4.31 -13.62
CA GLY A 195 10.46 3.62 -14.66
C GLY A 195 11.21 2.46 -14.08
N GLN A 196 11.36 1.40 -14.85
CA GLN A 196 12.17 0.24 -14.45
C GLN A 196 13.65 0.57 -14.68
N VAL A 197 14.52 -0.07 -13.90
CA VAL A 197 15.98 0.17 -13.96
C VAL A 197 16.68 -1.07 -14.46
N PHE A 198 17.90 -0.87 -14.97
CA PHE A 198 18.75 -1.95 -15.49
C PHE A 198 19.12 -2.92 -14.39
N CYS A 199 19.57 -4.09 -14.79
CA CYS A 199 19.91 -5.20 -13.88
C CYS A 199 21.38 -5.60 -14.04
N PHE A 200 21.91 -6.19 -12.97
CA PHE A 200 23.30 -6.65 -12.90
C PHE A 200 23.33 -8.18 -13.03
N ALA A 201 24.04 -8.67 -14.04
CA ALA A 201 24.16 -10.12 -14.30
C ALA A 201 25.06 -10.77 -13.26
N ASP A 202 26.00 -10.01 -12.69
CA ASP A 202 26.97 -10.61 -11.73
C ASP A 202 27.34 -9.58 -10.66
N SER A 203 28.19 -9.99 -9.74
CA SER A 203 28.63 -9.17 -8.59
C SER A 203 29.56 -8.03 -9.03
N ALA A 204 30.01 -8.01 -10.28
CA ALA A 204 30.88 -6.93 -10.80
C ALA A 204 30.03 -5.86 -11.49
N ALA A 205 28.70 -5.95 -11.40
CA ALA A 205 27.75 -4.93 -11.91
C ALA A 205 27.79 -4.89 -13.45
N HIS A 206 28.04 -6.04 -14.08
CA HIS A 206 27.93 -6.16 -15.56
C HIS A 206 26.42 -6.17 -15.93
N LEU A 207 26.00 -5.24 -16.79
CA LEU A 207 24.55 -5.05 -17.09
C LEU A 207 24.00 -6.31 -17.79
N ALA A 208 22.82 -6.77 -17.38
CA ALA A 208 22.23 -8.03 -17.88
C ALA A 208 21.43 -7.80 -19.17
N LEU A 209 21.43 -8.82 -20.03
CA LEU A 209 20.64 -8.81 -21.30
C LEU A 209 19.56 -9.89 -21.21
N ASP A 210 18.49 -9.68 -21.98
CA ASP A 210 17.39 -10.68 -22.00
C ASP A 210 17.64 -11.68 -23.13
N GLU A 211 16.61 -12.44 -23.48
CA GLU A 211 16.74 -13.54 -24.48
C GLU A 211 16.91 -12.94 -25.87
N THR A 212 16.30 -11.78 -26.14
CA THR A 212 16.35 -11.16 -27.48
C THR A 212 17.52 -10.18 -27.60
N GLY A 213 18.37 -10.06 -26.58
CA GLY A 213 19.59 -9.23 -26.65
C GLY A 213 19.34 -7.79 -26.25
N LYS A 214 18.30 -7.52 -25.48
CA LYS A 214 18.00 -6.15 -24.99
C LYS A 214 18.23 -6.10 -23.48
N LEU A 215 18.48 -4.90 -22.97
CA LEU A 215 18.83 -4.74 -21.55
C LEU A 215 17.63 -5.09 -20.66
N LEU A 216 17.80 -6.08 -19.79
CA LEU A 216 16.73 -6.50 -18.85
C LEU A 216 16.41 -5.35 -17.92
N ARG A 217 15.13 -5.16 -17.62
CA ARG A 217 14.71 -4.08 -16.72
C ARG A 217 13.93 -4.73 -15.58
N LYS A 218 14.01 -4.13 -14.39
CA LYS A 218 13.30 -4.66 -13.21
C LYS A 218 12.92 -3.50 -12.31
N PRO A 219 11.99 -3.68 -11.35
CA PRO A 219 11.51 -2.56 -10.52
C PRO A 219 12.48 -1.93 -9.52
N HIS A 220 12.36 -0.62 -9.32
CA HIS A 220 13.26 0.12 -8.41
C HIS A 220 12.60 0.30 -7.04
N GLY A 221 11.44 -0.32 -6.80
CA GLY A 221 10.78 -0.28 -5.49
C GLY A 221 9.89 0.95 -5.34
N HIS A 222 9.16 0.98 -4.25
CA HIS A 222 8.15 2.03 -4.01
C HIS A 222 8.82 3.33 -3.59
N GLY A 223 10.15 3.35 -3.45
CA GLY A 223 10.88 4.60 -3.14
C GLY A 223 10.78 5.62 -4.25
N ASP A 224 10.53 5.19 -5.48
CA ASP A 224 10.43 6.10 -6.67
C ASP A 224 9.32 7.15 -6.51
N VAL A 225 8.39 6.96 -5.56
CA VAL A 225 7.17 7.81 -5.47
C VAL A 225 7.58 9.24 -5.11
N HIS A 226 8.63 9.43 -4.32
CA HIS A 226 9.01 10.77 -3.85
C HIS A 226 9.57 11.59 -5.01
N SER A 227 10.43 11.00 -5.83
CA SER A 227 11.06 11.72 -6.97
C SER A 227 9.98 12.00 -8.02
N LEU A 228 9.03 11.06 -8.19
CA LEU A 228 7.93 11.28 -9.16
C LEU A 228 7.10 12.49 -8.72
N ILE A 229 6.81 12.58 -7.42
CA ILE A 229 6.03 13.73 -6.87
C ILE A 229 6.85 15.02 -7.06
N TYR A 230 8.14 14.97 -6.79
CA TYR A 230 9.02 16.17 -6.87
C TYR A 230 9.03 16.72 -8.28
N ASN A 231 9.02 15.86 -9.30
CA ASN A 231 9.12 16.25 -10.72
C ASN A 231 7.75 16.49 -11.36
N ALA A 232 6.65 16.26 -10.63
CA ALA A 232 5.30 16.38 -11.21
C ALA A 232 4.89 17.85 -11.24
N THR A 233 4.27 18.26 -12.33
CA THR A 233 3.79 19.64 -12.50
C THR A 233 2.29 19.63 -12.75
N VAL A 234 1.67 20.78 -12.51
CA VAL A 234 0.23 20.98 -12.79
C VAL A 234 0.16 22.39 -13.40
N LYS A 235 -0.85 22.67 -14.25
CA LYS A 235 -0.98 24.01 -14.91
C LYS A 235 -1.48 25.02 -13.88
N ARG A 236 -1.72 26.27 -14.28
CA ARG A 236 -2.17 27.33 -13.34
C ARG A 236 -3.34 28.13 -13.94
N ASP A 237 -4.57 27.68 -13.70
CA ASP A 237 -5.77 28.41 -14.19
C ASP A 237 -6.55 28.96 -12.98
N VAL A 238 -7.32 28.10 -12.31
CA VAL A 238 -8.15 28.54 -11.16
C VAL A 238 -7.26 28.56 -9.91
N VAL A 239 -6.04 28.02 -10.02
CA VAL A 239 -5.08 28.03 -8.88
C VAL A 239 -4.65 29.48 -8.65
N PRO A 240 -3.95 29.83 -7.54
CA PRO A 240 -3.59 31.22 -7.27
C PRO A 240 -3.11 31.93 -8.55
N ASP A 241 -2.39 31.24 -9.42
CA ASP A 241 -1.90 31.84 -10.69
C ASP A 241 -2.87 31.55 -11.83
N SER A 242 -3.00 32.45 -12.79
CA SER A 242 -3.94 32.29 -13.92
C SER A 242 -3.32 32.88 -15.19
N GLY A 243 -2.11 32.42 -15.53
CA GLY A 243 -1.40 32.94 -16.70
C GLY A 243 -2.10 32.60 -18.00
N ASP A 244 -1.79 33.36 -19.05
CA ASP A 244 -2.41 33.12 -20.37
C ASP A 244 -1.52 32.13 -21.13
N GLY A 245 -0.49 31.61 -20.46
CA GLY A 245 0.44 30.66 -21.12
C GLY A 245 0.36 29.27 -20.53
N THR A 246 0.28 28.25 -21.39
CA THR A 246 0.20 26.82 -20.95
C THR A 246 1.58 26.33 -20.50
N ALA A 247 2.63 27.12 -20.70
CA ALA A 247 3.97 26.73 -20.21
C ALA A 247 3.98 26.99 -18.71
N THR A 248 3.15 26.25 -17.96
CA THR A 248 3.16 26.37 -16.48
C THR A 248 3.94 25.18 -15.90
N ALA A 249 4.92 25.45 -15.04
CA ALA A 249 5.73 24.37 -14.43
C ALA A 249 5.44 24.29 -12.93
N GLN A 250 4.26 24.75 -12.51
CA GLN A 250 4.00 24.78 -11.05
C GLN A 250 4.15 23.36 -10.51
N PRO A 251 5.02 23.15 -9.52
CA PRO A 251 5.15 21.83 -8.88
C PRO A 251 3.85 21.43 -8.19
N LEU A 252 3.47 20.16 -8.30
CA LEU A 252 2.19 19.68 -7.70
C LEU A 252 2.18 19.99 -6.20
N VAL A 253 3.34 19.92 -5.55
CA VAL A 253 3.43 20.18 -4.07
C VAL A 253 3.12 21.65 -3.78
N ASN A 254 3.46 22.54 -4.72
CA ASN A 254 3.23 24.02 -4.56
C ASN A 254 1.73 24.31 -4.65
N ASP A 255 1.04 23.70 -5.62
CA ASP A 255 -0.44 23.83 -5.75
C ASP A 255 -1.12 23.35 -4.48
N TRP A 256 -0.72 22.20 -3.94
CA TRP A 256 -1.31 21.63 -2.69
C TRP A 256 -1.14 22.63 -1.54
N LEU A 257 0.07 23.13 -1.31
CA LEU A 257 0.34 24.05 -0.18
C LEU A 257 -0.41 25.36 -0.42
N ALA A 258 -0.36 25.86 -1.65
CA ALA A 258 -1.06 27.11 -2.05
C ALA A 258 -2.58 26.98 -1.81
N ALA A 259 -3.13 25.76 -1.91
CA ALA A 259 -4.59 25.54 -1.79
C ALA A 259 -5.01 25.38 -0.33
N GLY A 260 -4.06 25.22 0.59
CA GLY A 260 -4.39 25.17 2.03
C GLY A 260 -4.18 23.79 2.65
N TYR A 261 -3.65 22.83 1.90
CA TYR A 261 -3.48 21.44 2.40
C TYR A 261 -2.34 21.39 3.43
N GLU A 262 -2.53 20.60 4.48
CA GLU A 262 -1.58 20.56 5.62
C GLU A 262 -1.07 19.15 5.92
N SER A 263 -1.52 18.12 5.23
CA SER A 263 -1.06 16.73 5.52
C SER A 263 -1.00 15.92 4.22
N ILE A 264 -0.13 14.91 4.21
CA ILE A 264 -0.04 13.97 3.07
C ILE A 264 0.09 12.57 3.64
N VAL A 265 -0.59 11.63 3.01
CA VAL A 265 -0.69 10.24 3.51
C VAL A 265 -0.36 9.28 2.38
N PHE A 266 0.47 8.29 2.66
CA PHE A 266 0.90 7.25 1.70
C PHE A 266 0.31 5.91 2.13
N ILE A 267 -0.35 5.22 1.20
CA ILE A 267 -0.99 3.92 1.48
C ILE A 267 -0.51 2.91 0.44
N GLN A 268 -0.72 1.65 0.75
CA GLN A 268 -0.37 0.50 -0.12
C GLN A 268 -1.65 -0.07 -0.73
N ASP A 269 -1.47 -1.04 -1.61
CA ASP A 269 -2.49 -1.39 -2.62
C ASP A 269 -3.60 -2.27 -2.04
N THR A 270 -3.36 -3.09 -1.00
CA THR A 270 -4.40 -4.04 -0.58
C THR A 270 -4.64 -4.06 0.92
N ASN A 271 -4.64 -2.90 1.58
CA ASN A 271 -4.91 -2.82 3.04
C ASN A 271 -6.09 -1.88 3.30
N ALA A 272 -7.28 -2.45 3.45
CA ALA A 272 -8.54 -1.70 3.70
C ALA A 272 -8.53 -1.06 5.08
N GLY A 273 -7.66 -1.53 6.00
CA GLY A 273 -7.61 -0.96 7.36
C GLY A 273 -7.11 0.48 7.41
N ALA A 274 -6.52 0.99 6.34
CA ALA A 274 -5.97 2.36 6.33
C ALA A 274 -7.08 3.41 6.53
N THR A 275 -8.30 3.13 6.08
CA THR A 275 -9.43 4.08 6.29
C THR A 275 -9.80 4.18 7.76
N ILE A 276 -9.39 3.20 8.56
CA ILE A 276 -9.65 3.22 10.02
C ILE A 276 -8.52 3.89 10.78
N THR A 277 -7.27 3.61 10.43
CA THR A 277 -6.10 4.13 11.18
C THR A 277 -5.83 5.60 10.86
N ILE A 278 -6.04 6.02 9.61
CA ILE A 278 -5.56 7.36 9.14
C ILE A 278 -6.15 8.48 9.99
N PRO A 279 -7.47 8.56 10.27
CA PRO A 279 -7.98 9.69 11.05
C PRO A 279 -7.37 9.76 12.44
N ILE A 280 -7.18 8.62 13.09
CA ILE A 280 -6.56 8.59 14.44
C ILE A 280 -5.13 9.07 14.31
N SER A 281 -4.42 8.64 13.27
CA SER A 281 -3.00 9.01 13.06
C SER A 281 -2.86 10.51 12.88
N LEU A 282 -3.76 11.11 12.11
CA LEU A 282 -3.71 12.58 11.86
C LEU A 282 -3.93 13.33 13.18
N ALA A 283 -4.89 12.88 13.99
CA ALA A 283 -5.23 13.58 15.25
C ALA A 283 -4.02 13.52 16.19
N LEU A 284 -3.36 12.37 16.28
CA LEU A 284 -2.19 12.20 17.18
C LEU A 284 -0.99 12.95 16.61
N SER A 285 -0.84 13.02 15.30
CA SER A 285 0.24 13.81 14.67
C SER A 285 0.10 15.28 15.07
N ALA A 286 -1.12 15.77 15.22
CA ALA A 286 -1.38 17.19 15.58
C ALA A 286 -1.22 17.38 17.08
N GLU A 287 -1.74 16.47 17.90
CA GLU A 287 -1.64 16.56 19.37
C GLU A 287 -0.17 16.51 19.79
N HIS A 288 0.63 15.64 19.19
CA HIS A 288 2.03 15.39 19.60
C HIS A 288 3.02 16.01 18.61
N SER A 289 2.55 16.83 17.67
CA SER A 289 3.43 17.62 16.77
C SER A 289 4.40 16.71 16.03
N LEU A 290 3.90 15.63 15.43
CA LEU A 290 4.76 14.70 14.66
C LEU A 290 4.87 15.17 13.21
N ASP A 291 6.09 15.30 12.72
CA ASP A 291 6.37 15.67 11.31
C ASP A 291 6.13 14.47 10.40
N MET A 292 6.53 13.29 10.85
CA MET A 292 6.32 12.03 10.12
C MET A 292 5.83 11.01 11.14
N ASN A 293 4.78 10.27 10.81
CA ASN A 293 4.15 9.33 11.75
C ASN A 293 4.01 7.96 11.09
N PHE A 294 4.73 6.98 11.61
CA PHE A 294 4.65 5.57 11.15
C PHE A 294 3.45 4.90 11.77
N THR A 295 2.67 4.22 10.94
CA THR A 295 1.54 3.41 11.44
C THR A 295 2.05 2.01 11.77
N CYS A 296 1.79 1.55 12.99
CA CYS A 296 2.47 0.34 13.53
C CYS A 296 1.45 -0.59 14.18
N ILE A 297 1.86 -1.85 14.29
CA ILE A 297 1.12 -2.87 15.06
C ILE A 297 2.14 -3.62 15.91
N PRO A 298 1.71 -4.29 16.98
CA PRO A 298 2.55 -5.27 17.66
C PRO A 298 2.95 -6.36 16.67
N ARG A 299 4.24 -6.68 16.65
CA ARG A 299 4.82 -7.57 15.62
C ARG A 299 5.18 -8.90 16.29
N VAL A 300 4.83 -10.00 15.62
CA VAL A 300 5.27 -11.37 16.01
C VAL A 300 6.66 -11.60 15.42
N PRO A 301 7.53 -12.40 16.08
CA PRO A 301 8.98 -12.36 15.83
C PRO A 301 9.43 -12.64 14.38
N LYS A 302 8.61 -13.31 13.58
CA LYS A 302 9.03 -13.72 12.22
C LYS A 302 8.13 -13.09 11.14
N GLU A 303 7.34 -12.08 11.48
CA GLU A 303 6.40 -11.48 10.50
C GLU A 303 7.22 -10.80 9.42
N PRO A 304 6.82 -10.93 8.14
CA PRO A 304 7.45 -10.17 7.06
C PRO A 304 6.98 -8.70 7.03
N ILE A 305 7.10 -8.01 8.17
CA ILE A 305 6.89 -6.55 8.25
C ILE A 305 8.11 -5.92 8.92
N GLY A 306 8.41 -4.68 8.56
CA GLY A 306 9.54 -3.95 9.14
C GLY A 306 9.31 -3.59 10.60
N LEU A 307 10.37 -3.15 11.26
CA LEU A 307 10.30 -2.72 12.67
C LEU A 307 10.69 -1.25 12.75
N LEU A 308 9.95 -0.49 13.55
CA LEU A 308 10.27 0.93 13.79
C LEU A 308 11.20 1.01 15.00
N CYS A 309 12.42 1.47 14.77
CA CYS A 309 13.47 1.48 15.82
C CYS A 309 14.14 2.85 15.85
N ARG A 310 14.70 3.17 17.01
CA ARG A 310 15.69 4.27 17.11
C ARG A 310 17.05 3.68 16.80
N THR A 311 17.77 4.27 15.84
CA THR A 311 18.96 3.63 15.24
C THR A 311 20.17 4.57 15.31
N LYS A 312 21.34 3.96 15.36
CA LYS A 312 22.62 4.61 15.02
C LYS A 312 23.44 3.61 14.22
N LYS A 313 23.73 3.92 12.96
CA LYS A 313 24.48 3.01 12.07
C LYS A 313 25.92 2.91 12.59
N ASN A 314 26.58 4.06 12.81
CA ASN A 314 27.97 4.13 13.31
C ASN A 314 28.00 4.90 14.63
N SER A 315 29.13 4.80 15.33
CA SER A 315 29.28 5.33 16.72
C SER A 315 29.12 6.85 16.76
N GLY A 316 29.49 7.55 15.68
CA GLY A 316 29.47 9.03 15.65
C GLY A 316 28.17 9.60 15.12
N ASP A 317 27.28 8.75 14.59
CA ASP A 317 26.02 9.23 13.93
C ASP A 317 25.03 9.68 14.99
N PRO A 318 24.20 10.70 14.69
CA PRO A 318 23.11 11.08 15.57
C PRO A 318 21.97 10.07 15.46
N TRP A 319 21.13 10.03 16.49
CA TRP A 319 19.94 9.14 16.58
C TRP A 319 19.03 9.42 15.40
N LEU A 320 18.59 8.34 14.74
CA LEU A 320 17.64 8.40 13.61
C LEU A 320 16.49 7.43 13.87
N VAL A 321 15.27 7.93 13.71
CA VAL A 321 14.05 7.09 13.81
C VAL A 321 13.71 6.61 12.40
N ALA A 322 13.87 5.31 12.18
CA ALA A 322 13.73 4.73 10.83
C ALA A 322 13.19 3.30 10.93
N ASN A 323 12.77 2.81 9.78
CA ASN A 323 12.27 1.43 9.67
C ASN A 323 13.45 0.52 9.40
N VAL A 324 13.48 -0.63 10.07
CA VAL A 324 14.45 -1.72 9.79
C VAL A 324 13.65 -2.89 9.23
N GLU A 325 13.93 -3.22 7.97
CA GLU A 325 13.17 -4.28 7.26
C GLU A 325 13.36 -5.61 7.98
N TYR A 326 12.44 -6.55 7.77
CA TYR A 326 12.45 -7.83 8.52
C TYR A 326 13.76 -8.59 8.29
N ASN A 327 14.25 -8.61 7.06
CA ASN A 327 15.46 -9.41 6.75
C ASN A 327 16.63 -8.91 7.58
N VAL A 328 16.81 -7.60 7.58
CA VAL A 328 17.96 -7.01 8.31
C VAL A 328 17.81 -7.35 9.79
N PHE A 329 16.59 -7.28 10.32
CA PHE A 329 16.41 -7.52 11.77
C PHE A 329 16.78 -8.97 12.10
N ALA A 330 16.40 -9.91 11.25
CA ALA A 330 16.72 -11.34 11.45
C ALA A 330 18.25 -11.53 11.53
N GLU A 331 18.99 -10.91 10.60
CA GLU A 331 20.47 -11.01 10.60
C GLU A 331 20.98 -10.46 11.93
N VAL A 332 20.47 -9.32 12.33
CA VAL A 332 20.92 -8.69 13.60
C VAL A 332 20.54 -9.59 14.79
N SER A 333 19.31 -10.08 14.82
CA SER A 333 18.87 -10.90 15.97
C SER A 333 19.77 -12.12 16.06
N ARG A 334 19.93 -12.84 14.96
CA ARG A 334 20.81 -14.02 14.94
C ARG A 334 22.25 -13.52 14.95
N ALA A 335 22.84 -13.37 16.14
CA ALA A 335 24.25 -12.93 16.21
C ALA A 335 24.84 -13.33 17.56
N LEU A 336 26.16 -13.51 17.63
CA LEU A 336 26.84 -13.94 18.88
C LEU A 336 26.56 -12.93 19.99
N ASN A 337 26.75 -13.32 21.25
CA ASN A 337 26.44 -12.42 22.39
C ASN A 337 27.63 -11.48 22.60
N LYS A 338 27.59 -10.64 23.65
CA LYS A 338 28.56 -9.53 23.83
C LYS A 338 28.27 -8.52 22.71
N ASP A 339 27.04 -8.02 22.63
CA ASP A 339 26.71 -6.85 21.76
C ASP A 339 25.39 -6.22 22.19
N GLY A 340 25.44 -5.27 23.13
CA GLY A 340 24.20 -4.56 23.54
C GLY A 340 23.35 -5.39 24.48
N GLY A 341 22.11 -4.95 24.72
CA GLY A 341 21.20 -5.69 25.60
C GLY A 341 19.71 -5.60 25.30
N ASP A 342 19.34 -5.02 24.15
CA ASP A 342 17.91 -4.93 23.75
C ASP A 342 17.36 -6.04 22.85
N GLU A 343 17.87 -7.27 22.98
CA GLU A 343 17.43 -8.38 22.10
C GLU A 343 16.57 -9.36 22.89
N VAL A 344 16.70 -9.39 24.22
CA VAL A 344 15.88 -10.30 25.06
C VAL A 344 14.42 -10.19 24.62
N SER A 345 13.68 -11.29 24.59
CA SER A 345 12.28 -11.26 24.06
C SER A 345 11.31 -10.68 25.08
N ASP A 346 10.07 -10.43 24.65
CA ASP A 346 9.02 -9.85 25.54
C ASP A 346 8.21 -10.99 26.16
N PRO A 347 7.67 -10.84 27.38
CA PRO A 347 6.81 -11.87 27.97
C PRO A 347 5.61 -12.27 27.10
N THR A 348 4.84 -11.30 26.59
CA THR A 348 3.63 -11.62 25.81
C THR A 348 4.00 -12.52 24.64
N GLY A 349 4.98 -12.11 23.86
CA GLY A 349 5.36 -12.90 22.68
C GLY A 349 5.49 -12.01 21.46
N PHE A 350 5.64 -10.71 21.68
CA PHE A 350 5.75 -9.76 20.53
C PHE A 350 7.16 -9.17 20.48
N SER A 351 7.57 -8.74 19.29
CA SER A 351 8.94 -8.19 19.10
C SER A 351 9.17 -7.00 20.03
N PRO A 352 10.44 -6.71 20.40
CA PRO A 352 10.74 -5.57 21.26
C PRO A 352 10.26 -4.26 20.64
N PHE A 353 10.21 -4.20 19.31
CA PHE A 353 9.86 -2.91 18.65
C PHE A 353 8.53 -3.04 17.90
N PRO A 354 7.85 -1.91 17.64
CA PRO A 354 6.58 -1.93 16.93
C PRO A 354 6.77 -2.27 15.45
N GLY A 355 5.84 -3.02 14.87
CA GLY A 355 5.91 -3.39 13.44
C GLY A 355 5.28 -2.33 12.55
N SER A 356 5.99 -1.93 11.49
CA SER A 356 5.50 -0.83 10.62
C SER A 356 4.69 -1.41 9.46
N VAL A 357 3.44 -0.96 9.32
CA VAL A 357 2.54 -1.45 8.23
C VAL A 357 2.65 -0.55 7.00
N ASN A 358 3.46 0.50 7.05
CA ASN A 358 3.74 1.37 5.87
C ASN A 358 2.47 2.12 5.46
N THR A 359 1.74 2.62 6.45
CA THR A 359 0.81 3.75 6.23
C THR A 359 1.49 4.97 6.81
N LEU A 360 2.03 5.82 5.95
CA LEU A 360 2.91 6.94 6.34
C LEU A 360 2.13 8.25 6.36
N VAL A 361 2.11 8.90 7.52
CA VAL A 361 1.39 10.18 7.73
C VAL A 361 2.42 11.28 7.96
N PHE A 362 2.40 12.29 7.09
CA PHE A 362 3.35 13.43 7.14
C PHE A 362 2.60 14.75 7.34
N LYS A 363 3.27 15.66 8.03
CA LYS A 363 2.93 17.09 7.92
C LYS A 363 3.43 17.56 6.57
N LEU A 364 2.57 18.20 5.78
CA LEU A 364 2.88 18.54 4.37
C LEU A 364 4.08 19.50 4.29
N SER A 365 4.14 20.52 5.15
CA SER A 365 5.22 21.53 5.08
C SER A 365 6.58 20.84 5.26
N SER A 366 6.70 20.02 6.30
CA SER A 366 7.97 19.31 6.61
C SER A 366 8.33 18.37 5.46
N TYR A 367 7.33 17.66 4.91
CA TYR A 367 7.55 16.71 3.80
C TYR A 367 8.12 17.47 2.60
N VAL A 368 7.52 18.60 2.26
CA VAL A 368 7.93 19.37 1.05
C VAL A 368 9.37 19.84 1.25
N ASP A 369 9.70 20.31 2.46
CA ASP A 369 11.06 20.84 2.75
C ASP A 369 12.08 19.76 2.38
N ARG A 370 11.93 18.58 2.99
CA ARG A 370 12.92 17.49 2.79
C ARG A 370 12.86 16.99 1.35
N LEU A 371 11.70 17.03 0.72
CA LEU A 371 11.57 16.62 -0.69
C LEU A 371 12.40 17.56 -1.57
N ARG A 372 12.30 18.88 -1.34
CA ARG A 372 13.03 19.87 -2.17
C ARG A 372 14.54 19.77 -1.97
N GLU A 373 14.99 19.54 -0.74
CA GLU A 373 16.43 19.38 -0.44
C GLU A 373 16.98 18.13 -1.14
N SER A 374 16.23 17.02 -1.11
CA SER A 374 16.73 15.70 -1.57
C SER A 374 16.32 15.41 -3.01
N HIS A 375 15.47 16.24 -3.61
CA HIS A 375 14.90 16.01 -4.97
C HIS A 375 14.08 14.71 -4.99
N GLY A 376 13.64 14.23 -3.82
CA GLY A 376 12.89 12.96 -3.72
C GLY A 376 13.79 11.74 -3.67
N ILE A 377 15.11 11.91 -3.85
CA ILE A 377 16.06 10.77 -3.81
C ILE A 377 16.13 10.26 -2.37
N VAL A 378 15.97 8.95 -2.22
CA VAL A 378 16.13 8.28 -0.91
C VAL A 378 17.26 7.28 -1.06
N PRO A 379 17.91 6.90 0.06
CA PRO A 379 18.98 5.91 0.02
C PRO A 379 18.49 4.58 -0.55
N GLU A 380 19.39 3.94 -1.29
CA GLU A 380 19.07 2.69 -2.04
C GLU A 380 19.73 1.51 -1.35
N PHE A 381 19.41 0.32 -1.84
CA PHE A 381 20.03 -0.95 -1.40
C PHE A 381 19.95 -1.93 -2.55
N ILE A 382 20.50 -3.11 -2.31
CA ILE A 382 20.40 -4.25 -3.26
C ILE A 382 20.44 -5.54 -2.46
N ASN A 383 19.61 -6.50 -2.84
CA ASN A 383 19.45 -7.78 -2.11
C ASN A 383 19.38 -8.90 -3.13
N PRO A 384 20.52 -9.25 -3.76
CA PRO A 384 20.51 -10.27 -4.80
C PRO A 384 20.12 -11.63 -4.21
N LYS A 385 19.64 -12.51 -5.07
CA LYS A 385 19.31 -13.91 -4.69
C LYS A 385 20.40 -14.79 -5.31
N TYR A 386 21.25 -15.40 -4.50
CA TYR A 386 22.39 -16.20 -4.96
C TYR A 386 21.95 -17.63 -5.24
N SER A 387 22.65 -18.35 -6.12
CA SER A 387 22.30 -19.76 -6.48
C SER A 387 22.70 -20.75 -5.37
N ASP A 388 23.91 -20.62 -4.82
CA ASP A 388 24.41 -21.56 -3.77
C ASP A 388 24.77 -20.80 -2.49
N GLU A 389 24.90 -21.51 -1.37
CA GLU A 389 25.18 -20.85 -0.07
C GLU A 389 26.57 -20.18 -0.17
N THR A 390 27.39 -20.62 -1.11
CA THR A 390 28.72 -20.01 -1.32
C THR A 390 28.56 -18.65 -2.01
N ARG A 391 27.37 -18.36 -2.55
CA ARG A 391 27.15 -17.09 -3.30
C ARG A 391 28.06 -17.06 -4.53
N ARG A 392 28.64 -15.89 -4.81
CA ARG A 392 29.54 -15.73 -5.99
C ARG A 392 28.77 -16.09 -7.28
N SER A 393 27.44 -16.18 -7.19
CA SER A 393 26.62 -16.49 -8.39
C SER A 393 25.20 -15.94 -8.19
N PHE A 394 24.59 -15.41 -9.26
CA PHE A 394 23.21 -14.86 -9.18
C PHE A 394 22.23 -15.83 -9.85
N LYS A 395 21.26 -16.36 -9.09
CA LYS A 395 20.23 -17.24 -9.71
C LYS A 395 19.44 -16.39 -10.71
N LYS A 396 19.20 -15.13 -10.39
CA LYS A 396 18.49 -14.24 -11.32
C LYS A 396 19.11 -12.85 -11.21
N PRO A 397 19.25 -12.11 -12.33
CA PRO A 397 19.85 -10.79 -12.31
C PRO A 397 19.26 -9.88 -11.22
N ALA A 398 20.11 -9.08 -10.61
CA ALA A 398 19.75 -8.20 -9.48
C ALA A 398 19.63 -6.77 -9.98
N ARG A 399 18.90 -5.97 -9.21
CA ARG A 399 18.73 -4.54 -9.53
C ARG A 399 18.70 -3.75 -8.22
N ILE A 400 19.02 -2.47 -8.31
CA ILE A 400 18.99 -1.55 -7.14
C ILE A 400 17.53 -1.26 -6.77
N GLU A 401 17.25 -1.27 -5.47
CA GLU A 401 15.90 -1.01 -4.94
C GLU A 401 15.92 0.18 -3.99
N SER A 402 14.72 0.67 -3.69
CA SER A 402 14.50 1.78 -2.74
C SER A 402 13.16 1.60 -2.03
N LEU A 403 13.07 2.15 -0.83
CA LEU A 403 11.86 2.05 0.03
C LEU A 403 11.35 3.46 0.29
N MET A 404 10.02 3.61 0.22
CA MET A 404 9.40 4.95 0.35
C MET A 404 9.43 5.38 1.81
N GLN A 405 9.46 4.44 2.73
CA GLN A 405 9.55 4.77 4.16
C GLN A 405 10.97 5.20 4.53
N ASP A 406 11.97 4.90 3.69
CA ASP A 406 13.38 5.27 3.95
C ASP A 406 13.58 6.78 3.79
N ILE A 407 12.52 7.53 3.55
CA ILE A 407 12.61 9.02 3.56
C ILE A 407 12.68 9.52 5.02
N ALA A 408 12.49 8.65 6.00
CA ALA A 408 12.50 9.02 7.44
C ALA A 408 13.91 9.42 7.92
N LEU A 409 14.96 8.93 7.26
CA LEU A 409 16.35 9.16 7.75
C LEU A 409 16.87 10.48 7.18
N LEU A 410 16.06 11.19 6.37
CA LEU A 410 16.35 12.60 6.01
C LEU A 410 15.76 13.53 7.06
N PHE A 411 15.10 12.98 8.08
CA PHE A 411 14.46 13.75 9.18
C PHE A 411 15.32 13.62 10.43
N SER A 412 16.21 14.60 10.64
CA SER A 412 17.10 14.61 11.83
C SER A 412 16.24 14.80 13.08
N GLU A 413 16.68 14.20 14.18
CA GLU A 413 16.03 14.41 15.50
C GLU A 413 16.19 15.88 15.93
N ASP A 414 17.16 16.61 15.38
CA ASP A 414 17.41 18.02 15.76
C ASP A 414 16.27 18.90 15.23
N ASP A 415 15.83 18.67 14.00
CA ASP A 415 14.87 19.59 13.33
C ASP A 415 13.45 19.02 13.28
N TYR A 416 13.28 17.70 13.38
CA TYR A 416 11.98 17.04 13.11
C TYR A 416 11.65 16.02 14.18
N ARG A 417 10.35 15.90 14.49
CA ARG A 417 9.84 14.85 15.39
C ARG A 417 9.27 13.73 14.52
N VAL A 418 9.87 12.55 14.64
CA VAL A 418 9.43 11.33 13.90
C VAL A 418 9.01 10.29 14.92
N GLY A 419 7.77 9.81 14.82
CA GLY A 419 7.23 8.85 15.78
C GLY A 419 6.36 7.80 15.14
N GLY A 420 5.71 7.01 15.98
CA GLY A 420 4.89 5.88 15.53
C GLY A 420 3.62 5.76 16.35
N THR A 421 2.54 5.35 15.70
CA THR A 421 1.25 5.06 16.37
C THR A 421 0.98 3.57 16.30
N VAL A 422 0.60 2.99 17.45
CA VAL A 422 0.43 1.52 17.57
C VAL A 422 -1.06 1.20 17.64
N PHE A 423 -1.54 0.46 16.66
CA PHE A 423 -2.96 0.04 16.55
C PHE A 423 -3.02 -1.45 16.80
N GLU A 424 -4.25 -1.95 16.85
CA GLU A 424 -4.53 -3.38 16.94
C GLU A 424 -4.03 -4.05 15.67
N ARG A 425 -3.60 -5.30 15.82
CA ARG A 425 -3.15 -6.13 14.67
C ARG A 425 -4.33 -6.33 13.72
N PHE A 426 -5.55 -6.40 14.28
CA PHE A 426 -6.76 -6.61 13.45
C PHE A 426 -6.92 -5.50 12.40
N SER A 427 -6.41 -4.30 12.65
CA SER A 427 -6.54 -3.14 11.72
C SER A 427 -5.65 -3.27 10.50
N TYR A 428 -4.71 -4.23 10.52
CA TYR A 428 -3.77 -4.48 9.39
C TYR A 428 -4.29 -5.67 8.64
N GLN A 429 -4.82 -5.43 7.42
CA GLN A 429 -5.57 -6.49 6.67
C GLN A 429 -5.08 -6.59 5.24
N PRO A 430 -3.79 -6.86 4.99
CA PRO A 430 -3.33 -6.94 3.63
C PRO A 430 -3.70 -8.27 2.97
N VAL A 431 -3.76 -8.23 1.63
CA VAL A 431 -3.88 -9.45 0.80
C VAL A 431 -2.56 -9.66 0.08
N LYS A 432 -1.68 -10.48 0.67
CA LYS A 432 -0.29 -10.69 0.17
C LYS A 432 -0.04 -12.14 -0.25
N ASN A 433 -0.64 -13.12 0.43
CA ASN A 433 -0.25 -14.54 0.25
C ASN A 433 -1.30 -15.30 -0.57
N SER A 434 -0.85 -16.23 -1.39
CA SER A 434 -1.77 -17.21 -2.01
C SER A 434 -2.26 -18.21 -0.97
N LEU A 435 -3.25 -19.00 -1.36
CA LEU A 435 -3.83 -20.03 -0.45
C LEU A 435 -2.76 -21.06 -0.07
N GLU A 436 -1.91 -21.47 -1.00
CA GLU A 436 -0.84 -22.46 -0.68
C GLU A 436 0.05 -21.91 0.44
N GLU A 437 0.58 -20.70 0.28
CA GLU A 437 1.54 -20.20 1.31
C GLU A 437 0.78 -19.85 2.57
N ALA A 438 -0.51 -19.53 2.45
CA ALA A 438 -1.38 -19.27 3.63
C ALA A 438 -1.52 -20.57 4.45
N ALA A 439 -1.68 -21.71 3.78
CA ALA A 439 -1.75 -23.03 4.46
C ALA A 439 -0.41 -23.30 5.17
N GLY A 440 0.70 -23.04 4.49
CA GLY A 440 2.05 -23.24 5.07
C GLY A 440 2.25 -22.35 6.29
N LEU A 441 1.86 -21.08 6.20
CA LEU A 441 2.07 -20.09 7.29
C LEU A 441 1.23 -20.46 8.51
N VAL A 442 -0.02 -20.89 8.29
CA VAL A 442 -0.94 -21.20 9.41
C VAL A 442 -0.44 -22.44 10.17
N ALA A 443 0.18 -23.40 9.48
CA ALA A 443 0.76 -24.60 10.12
C ALA A 443 1.85 -24.20 11.13
N GLN A 444 2.57 -23.10 10.87
CA GLN A 444 3.61 -22.57 11.79
C GLN A 444 2.99 -21.66 12.86
N GLY A 445 1.67 -21.42 12.82
CA GLY A 445 1.00 -20.52 13.77
C GLY A 445 1.21 -19.06 13.42
N ASN A 446 1.37 -18.75 12.13
CA ASN A 446 1.51 -17.35 11.65
C ASN A 446 0.24 -16.90 10.94
N GLY A 447 0.21 -15.62 10.55
CA GLY A 447 -0.94 -15.02 9.85
C GLY A 447 -0.95 -15.41 8.37
N ALA A 448 -2.15 -15.67 7.84
CA ALA A 448 -2.31 -16.12 6.44
C ALA A 448 -2.16 -14.94 5.47
N TYR A 449 -2.82 -13.82 5.77
CA TYR A 449 -2.84 -12.60 4.92
C TYR A 449 -3.12 -12.97 3.48
N CYS A 450 -4.21 -13.70 3.29
CA CYS A 450 -4.66 -14.20 1.98
C CYS A 450 -5.97 -13.50 1.61
N ALA A 451 -6.52 -13.80 0.45
CA ALA A 451 -7.80 -13.21 0.01
C ALA A 451 -8.96 -13.67 0.92
N ALA A 452 -8.95 -14.92 1.40
CA ALA A 452 -10.04 -15.39 2.28
C ALA A 452 -10.03 -14.59 3.60
N THR A 453 -8.87 -14.40 4.20
CA THR A 453 -8.78 -13.71 5.51
C THR A 453 -8.98 -12.19 5.35
N GLY A 454 -8.54 -11.63 4.23
CA GLY A 454 -8.81 -10.22 3.91
C GLY A 454 -10.32 -9.94 3.81
N GLU A 455 -11.04 -10.71 3.02
CA GLU A 455 -12.51 -10.54 2.92
C GLU A 455 -13.18 -10.75 4.29
N ALA A 456 -12.81 -11.83 4.99
CA ALA A 456 -13.45 -12.16 6.29
C ALA A 456 -13.17 -11.06 7.30
N ALA A 457 -11.94 -10.56 7.33
CA ALA A 457 -11.59 -9.48 8.27
C ALA A 457 -12.41 -8.21 7.96
N PHE A 458 -12.66 -7.89 6.67
CA PHE A 458 -13.48 -6.70 6.30
C PHE A 458 -14.91 -6.81 6.86
N TYR A 459 -15.55 -7.97 6.70
CA TYR A 459 -16.91 -8.18 7.24
C TYR A 459 -16.89 -8.06 8.78
N GLU A 460 -15.87 -8.63 9.42
CA GLU A 460 -15.76 -8.55 10.89
C GLU A 460 -15.54 -7.10 11.30
N LEU A 461 -14.76 -6.34 10.53
CA LEU A 461 -14.47 -4.91 10.86
C LEU A 461 -15.78 -4.12 10.88
N GLN A 462 -16.62 -4.31 9.87
CA GLN A 462 -17.92 -3.57 9.85
C GLN A 462 -18.72 -3.93 11.11
N ARG A 463 -18.77 -5.22 11.46
CA ARG A 463 -19.56 -5.68 12.63
C ARG A 463 -19.02 -5.11 13.93
N ARG A 464 -17.70 -5.04 14.10
CA ARG A 464 -17.10 -4.49 15.33
C ARG A 464 -17.43 -3.00 15.44
N ARG A 465 -17.31 -2.28 14.33
CA ARG A 465 -17.61 -0.83 14.35
C ARG A 465 -19.08 -0.61 14.69
N LEU A 466 -19.96 -1.42 14.14
CA LEU A 466 -21.43 -1.22 14.30
C LEU A 466 -21.82 -1.61 15.72
N LYS A 467 -21.19 -2.61 16.28
CA LYS A 467 -21.50 -3.01 17.68
C LYS A 467 -20.99 -1.93 18.63
N ALA A 468 -19.98 -1.17 18.24
CA ALA A 468 -19.41 -0.09 19.08
C ALA A 468 -20.45 1.02 19.32
N ILE A 469 -21.41 1.17 18.42
CA ILE A 469 -22.46 2.23 18.57
C ILE A 469 -23.74 1.61 19.12
N GLY A 470 -23.73 0.34 19.50
CA GLY A 470 -24.86 -0.32 20.19
C GLY A 470 -25.72 -1.20 19.30
N LEU A 471 -25.37 -1.43 18.05
CA LEU A 471 -26.13 -2.40 17.22
C LEU A 471 -25.98 -3.80 17.83
N PRO A 472 -27.09 -4.51 18.11
CA PRO A 472 -27.04 -5.79 18.80
C PRO A 472 -26.83 -6.99 17.85
N LEU A 473 -25.60 -7.19 17.40
CA LEU A 473 -25.24 -8.31 16.49
C LEU A 473 -24.83 -9.50 17.35
N PHE A 474 -25.66 -10.52 17.36
CA PHE A 474 -25.34 -11.81 18.00
C PHE A 474 -25.01 -12.78 16.89
N TYR A 475 -23.76 -13.21 16.83
CA TYR A 475 -23.32 -14.22 15.84
C TYR A 475 -22.23 -15.08 16.45
N SER A 476 -22.12 -16.31 15.93
CA SER A 476 -21.08 -17.27 16.37
C SER A 476 -19.74 -16.87 15.78
N SER A 477 -18.67 -17.23 16.48
CA SER A 477 -17.28 -17.05 15.98
C SER A 477 -16.82 -18.28 15.19
N GLN A 478 -17.64 -19.33 15.14
CA GLN A 478 -17.25 -20.59 14.46
C GLN A 478 -17.17 -20.32 12.96
N PRO A 479 -16.17 -20.86 12.24
CA PRO A 479 -16.07 -20.67 10.80
C PRO A 479 -17.24 -21.31 10.04
N GLU A 480 -17.49 -20.80 8.84
CA GLU A 480 -18.61 -21.27 8.00
C GLU A 480 -18.11 -22.00 6.76
N VAL A 481 -16.81 -21.92 6.47
CA VAL A 481 -16.22 -22.54 5.25
C VAL A 481 -14.75 -22.78 5.54
N THR A 482 -14.23 -23.90 5.03
CA THR A 482 -12.80 -24.24 5.18
C THR A 482 -12.15 -24.08 3.81
N VAL A 483 -10.92 -23.63 3.82
CA VAL A 483 -10.19 -23.37 2.55
C VAL A 483 -8.82 -24.02 2.66
N ALA A 484 -8.17 -24.15 1.51
CA ALA A 484 -6.80 -24.68 1.39
C ALA A 484 -6.74 -26.08 2.02
N LYS A 485 -7.48 -27.01 1.44
CA LYS A 485 -7.46 -28.45 1.82
C LYS A 485 -7.71 -28.58 3.33
N ASP A 486 -8.69 -27.83 3.84
CA ASP A 486 -9.15 -27.88 5.26
C ASP A 486 -7.99 -27.53 6.19
N ALA A 487 -7.09 -26.63 5.77
CA ALA A 487 -6.00 -26.15 6.66
C ALA A 487 -6.57 -25.16 7.68
N PHE A 488 -7.49 -24.29 7.26
CA PHE A 488 -8.11 -23.31 8.19
C PHE A 488 -9.48 -22.91 7.65
N GLY A 489 -10.30 -22.39 8.55
CA GLY A 489 -11.62 -21.86 8.19
C GLY A 489 -11.73 -20.35 8.40
N VAL A 490 -12.69 -19.74 7.70
CA VAL A 490 -13.12 -18.34 7.96
C VAL A 490 -14.63 -18.35 8.09
N ARG A 491 -15.15 -17.29 8.66
CA ARG A 491 -16.58 -16.99 8.58
C ARG A 491 -16.77 -15.62 7.96
N LEU A 492 -17.94 -15.45 7.33
CA LEU A 492 -18.28 -14.25 6.53
C LEU A 492 -19.49 -13.55 7.15
N PHE A 493 -20.49 -14.31 7.57
CA PHE A 493 -21.82 -13.78 7.91
C PHE A 493 -21.84 -13.39 9.39
N PRO A 494 -22.67 -12.40 9.78
CA PRO A 494 -23.52 -11.61 8.89
C PRO A 494 -22.75 -10.56 8.06
N ILE A 495 -23.14 -10.39 6.80
CA ILE A 495 -22.48 -9.42 5.86
C ILE A 495 -23.24 -8.10 5.93
N ILE A 496 -22.57 -7.04 6.34
CA ILE A 496 -23.15 -5.66 6.39
C ILE A 496 -22.17 -4.73 5.70
N VAL A 497 -22.52 -4.29 4.49
CA VAL A 497 -21.66 -3.35 3.72
C VAL A 497 -22.43 -2.06 3.46
N LEU A 498 -21.91 -0.95 3.97
CA LEU A 498 -22.44 0.41 3.73
C LEU A 498 -21.50 1.17 2.79
N ASP A 499 -22.06 1.78 1.74
CA ASP A 499 -21.24 2.56 0.79
C ASP A 499 -20.92 3.93 1.38
N THR A 500 -20.08 4.70 0.69
CA THR A 500 -19.54 5.97 1.23
C THR A 500 -20.63 7.03 1.36
N VAL A 501 -21.70 6.94 0.58
CA VAL A 501 -22.79 7.93 0.68
C VAL A 501 -23.54 7.65 1.98
N CYS A 502 -23.72 6.38 2.32
CA CYS A 502 -24.45 6.01 3.57
C CYS A 502 -23.62 6.26 4.82
N ALA A 503 -22.41 5.72 4.86
CA ALA A 503 -21.58 5.68 6.10
C ALA A 503 -20.70 6.93 6.17
N SER A 504 -20.59 7.68 5.08
CA SER A 504 -19.73 8.89 5.03
C SER A 504 -18.27 8.52 5.32
N SER A 505 -17.66 9.06 6.37
CA SER A 505 -16.22 8.81 6.63
C SER A 505 -15.97 7.43 7.28
N GLY A 506 -17.01 6.75 7.75
CA GLY A 506 -16.85 5.51 8.54
C GLY A 506 -16.58 5.78 10.01
N SER A 507 -16.58 7.05 10.46
CA SER A 507 -16.46 7.37 11.90
C SER A 507 -17.63 6.78 12.69
N LEU A 508 -17.44 6.57 13.98
CA LEU A 508 -18.50 6.01 14.86
C LEU A 508 -19.70 6.97 14.89
N ASP A 509 -19.43 8.28 14.87
CA ASP A 509 -20.50 9.30 14.78
C ASP A 509 -21.23 9.16 13.46
N ASP A 510 -20.51 8.99 12.36
CA ASP A 510 -21.13 8.83 11.03
C ASP A 510 -21.98 7.54 11.01
N LEU A 511 -21.49 6.48 11.62
CA LEU A 511 -22.25 5.21 11.64
C LEU A 511 -23.51 5.40 12.49
N ALA A 512 -23.42 6.17 13.57
CA ALA A 512 -24.61 6.43 14.44
C ALA A 512 -25.66 7.25 13.69
N ARG A 513 -25.26 7.96 12.63
CA ARG A 513 -26.23 8.69 11.79
C ARG A 513 -27.11 7.73 10.98
N VAL A 514 -26.59 6.54 10.67
CA VAL A 514 -27.35 5.51 9.89
C VAL A 514 -28.25 4.70 10.84
N PHE A 515 -27.81 4.49 12.07
CA PHE A 515 -28.59 3.75 13.07
C PHE A 515 -28.84 4.62 14.29
N PRO A 516 -29.77 5.59 14.21
CA PRO A 516 -30.02 6.48 15.35
C PRO A 516 -30.70 5.77 16.54
N THR A 517 -31.45 4.69 16.29
CA THR A 517 -32.04 3.85 17.37
C THR A 517 -31.63 2.39 17.17
N PRO A 518 -30.34 2.06 17.40
CA PRO A 518 -29.82 0.76 17.02
C PRO A 518 -30.45 -0.42 17.78
N GLU A 519 -31.02 -0.17 18.96
CA GLU A 519 -31.62 -1.26 19.79
C GLU A 519 -32.85 -1.85 19.08
N LYS A 520 -33.43 -1.16 18.10
CA LYS A 520 -34.61 -1.64 17.37
C LYS A 520 -34.23 -2.21 15.99
N VAL A 521 -32.93 -2.44 15.75
CA VAL A 521 -32.47 -3.08 14.49
C VAL A 521 -31.89 -4.46 14.81
N HIS A 522 -32.53 -5.50 14.31
CA HIS A 522 -32.20 -6.91 14.64
C HIS A 522 -31.83 -7.63 13.36
N ILE A 523 -30.53 -7.81 13.13
CA ILE A 523 -30.03 -8.54 11.95
C ILE A 523 -29.56 -9.93 12.36
N ASP A 524 -30.19 -10.96 11.81
CA ASP A 524 -29.80 -12.35 12.16
C ASP A 524 -28.38 -12.64 11.66
N GLN A 525 -27.70 -13.54 12.36
CA GLN A 525 -26.30 -13.94 12.10
C GLN A 525 -26.08 -14.50 10.69
N HIS A 526 -27.13 -14.96 9.99
CA HIS A 526 -27.04 -15.52 8.61
C HIS A 526 -27.43 -14.49 7.56
N SER A 527 -27.69 -13.24 7.94
CA SER A 527 -28.32 -12.25 7.05
C SER A 527 -27.27 -11.52 6.23
N THR A 528 -27.73 -10.78 5.24
CA THR A 528 -26.90 -9.91 4.41
C THR A 528 -27.61 -8.57 4.25
N LEU A 529 -26.94 -7.48 4.61
CA LEU A 529 -27.49 -6.12 4.47
C LEU A 529 -26.54 -5.27 3.61
N ILE A 530 -27.00 -4.87 2.44
CA ILE A 530 -26.25 -3.97 1.53
C ILE A 530 -27.00 -2.64 1.50
N VAL A 531 -26.32 -1.57 1.89
CA VAL A 531 -26.93 -0.21 1.91
C VAL A 531 -26.15 0.71 0.97
N GLU A 532 -26.87 1.29 0.01
CA GLU A 532 -26.28 2.27 -0.94
C GLU A 532 -27.08 3.58 -0.88
N GLY A 533 -26.37 4.69 -0.97
CA GLY A 533 -26.99 6.02 -1.00
C GLY A 533 -27.34 6.53 0.39
N ARG A 534 -28.12 7.60 0.44
CA ARG A 534 -28.48 8.27 1.71
C ARG A 534 -29.62 7.54 2.37
N VAL A 535 -29.29 6.65 3.30
CA VAL A 535 -30.28 5.79 3.99
C VAL A 535 -30.12 5.98 5.48
N ILE A 536 -31.25 6.02 6.18
CA ILE A 536 -31.28 6.00 7.67
C ILE A 536 -32.15 4.81 8.06
N ILE A 537 -31.60 3.93 8.89
CA ILE A 537 -32.34 2.72 9.33
C ILE A 537 -32.67 2.88 10.83
N GLU A 538 -33.94 3.07 11.14
CA GLU A 538 -34.39 3.24 12.53
C GLU A 538 -34.81 1.89 13.14
N SER A 539 -35.57 1.10 12.40
CA SER A 539 -36.10 -0.20 12.92
C SER A 539 -36.18 -1.19 11.77
N LEU A 540 -35.69 -2.39 12.00
CA LEU A 540 -35.58 -3.43 10.96
C LEU A 540 -35.48 -4.78 11.67
N GLU A 541 -36.09 -5.78 11.06
CA GLU A 541 -35.93 -7.20 11.49
C GLU A 541 -35.63 -8.00 10.22
N LEU A 542 -34.39 -8.48 10.09
CA LEU A 542 -33.89 -9.06 8.81
C LEU A 542 -33.48 -10.50 9.07
N TYR A 543 -34.13 -11.41 8.36
CA TYR A 543 -33.76 -12.85 8.30
C TYR A 543 -33.60 -13.23 6.83
N GLY A 544 -32.43 -12.89 6.28
CA GLY A 544 -32.14 -13.07 4.84
C GLY A 544 -31.33 -11.90 4.29
N ALA A 545 -31.43 -11.69 2.98
CA ALA A 545 -30.62 -10.71 2.24
C ALA A 545 -31.49 -9.54 1.83
N LEU A 546 -30.96 -8.34 2.01
CA LEU A 546 -31.70 -7.10 1.75
C LEU A 546 -30.72 -6.05 1.22
N THR A 547 -31.08 -5.45 0.10
CA THR A 547 -30.40 -4.24 -0.40
C THR A 547 -31.34 -3.06 -0.21
N ILE A 548 -30.83 -1.98 0.38
CA ILE A 548 -31.57 -0.70 0.52
C ILE A 548 -30.82 0.37 -0.28
N ARG A 549 -31.53 0.97 -1.21
CA ARG A 549 -30.92 1.99 -2.07
C ARG A 549 -31.54 3.35 -1.77
N GLY A 550 -30.69 4.35 -1.61
CA GLY A 550 -31.14 5.74 -1.40
C GLY A 550 -30.52 6.63 -2.45
N PRO A 551 -30.74 7.96 -2.32
CA PRO A 551 -30.23 8.91 -3.31
C PRO A 551 -28.70 8.89 -3.40
N THR A 552 -28.18 8.97 -4.61
CA THR A 552 -26.73 8.86 -4.89
C THR A 552 -26.01 10.17 -4.56
N ASP A 553 -26.74 11.22 -4.24
CA ASP A 553 -26.13 12.51 -3.82
C ASP A 553 -26.27 12.68 -2.31
N SER A 554 -25.20 13.06 -1.63
CA SER A 554 -25.16 13.17 -0.14
C SER A 554 -26.07 14.31 0.35
N MET A 555 -26.19 15.38 -0.44
CA MET A 555 -26.99 16.57 -0.05
C MET A 555 -28.49 16.27 -0.16
N ALA A 556 -28.87 15.18 -0.83
CA ALA A 556 -30.29 14.83 -1.04
C ALA A 556 -30.92 14.42 0.29
N LEU A 557 -32.24 14.49 0.38
CA LEU A 557 -32.99 14.04 1.57
C LEU A 557 -32.91 12.53 1.66
N PRO A 558 -32.88 11.98 2.89
CA PRO A 558 -32.65 10.55 3.07
C PRO A 558 -33.92 9.69 3.12
N HIS A 559 -33.84 8.52 2.49
CA HIS A 559 -34.85 7.45 2.64
C HIS A 559 -34.72 6.83 4.02
N VAL A 560 -35.81 6.86 4.80
CA VAL A 560 -35.84 6.40 6.21
C VAL A 560 -36.63 5.10 6.27
N VAL A 561 -36.04 4.10 6.91
CA VAL A 561 -36.64 2.73 6.99
C VAL A 561 -37.20 2.56 8.40
N ARG A 562 -38.50 2.24 8.47
CA ARG A 562 -39.20 2.09 9.77
C ARG A 562 -40.03 0.82 9.76
N ASN A 563 -39.93 0.06 10.85
CA ASN A 563 -40.77 -1.14 11.12
C ASN A 563 -40.70 -2.13 9.96
N ALA A 564 -39.62 -2.15 9.18
CA ALA A 564 -39.46 -3.12 8.07
C ALA A 564 -39.24 -4.51 8.65
N VAL A 565 -39.80 -5.52 7.98
CA VAL A 565 -39.63 -6.96 8.32
C VAL A 565 -39.37 -7.68 7.02
N VAL A 566 -38.19 -8.26 6.87
CA VAL A 566 -37.81 -8.94 5.59
C VAL A 566 -37.33 -10.34 5.91
N ARG A 567 -37.90 -11.32 5.22
CA ARG A 567 -37.55 -12.75 5.41
C ARG A 567 -37.40 -13.38 4.04
N ASN A 568 -36.27 -14.04 3.82
CA ASN A 568 -36.03 -14.76 2.55
C ASN A 568 -34.90 -15.74 2.78
N ALA A 569 -34.60 -16.56 1.77
CA ALA A 569 -33.56 -17.60 1.84
C ALA A 569 -32.17 -16.97 1.97
N GLY A 570 -32.01 -15.71 1.55
CA GLY A 570 -30.75 -14.99 1.71
C GLY A 570 -29.60 -15.66 0.96
N TRP A 571 -28.40 -15.54 1.50
CA TRP A 571 -27.16 -16.00 0.85
C TRP A 571 -26.55 -17.15 1.64
N SER A 572 -25.64 -17.85 0.99
CA SER A 572 -24.78 -18.87 1.64
C SER A 572 -23.39 -18.78 1.05
N VAL A 573 -22.46 -19.52 1.67
CA VAL A 573 -21.07 -19.65 1.17
C VAL A 573 -20.75 -21.15 1.13
N HIS A 574 -20.03 -21.57 0.10
CA HIS A 574 -19.50 -22.96 0.03
C HIS A 574 -18.12 -22.98 -0.61
N ALA A 575 -17.33 -23.96 -0.19
CA ALA A 575 -15.93 -24.07 -0.62
C ALA A 575 -15.88 -24.52 -2.06
N ILE A 576 -14.80 -24.17 -2.72
CA ILE A 576 -14.54 -24.66 -4.10
C ILE A 576 -13.93 -26.05 -3.96
N LEU A 577 -14.62 -27.07 -4.48
CA LEU A 577 -14.21 -28.47 -4.28
C LEU A 577 -12.92 -28.75 -5.05
N SER A 578 -12.12 -29.65 -4.50
CA SER A 578 -10.83 -30.05 -5.12
C SER A 578 -11.10 -30.67 -6.49
N LEU A 579 -12.22 -31.37 -6.65
CA LEU A 579 -12.61 -31.95 -7.97
C LEU A 579 -13.32 -30.87 -8.80
N CYS A 580 -12.65 -29.76 -9.05
CA CYS A 580 -13.19 -28.68 -9.92
C CYS A 580 -12.77 -28.97 -11.36
N ALA A 581 -13.69 -29.61 -12.10
CA ALA A 581 -13.47 -30.04 -13.50
C ALA A 581 -13.11 -28.82 -14.36
N GLY A 582 -13.79 -27.70 -14.15
CA GLY A 582 -13.55 -26.47 -14.92
C GLY A 582 -14.28 -26.45 -16.24
N ARG A 583 -15.15 -27.44 -16.52
CA ARG A 583 -15.98 -27.42 -17.75
C ARG A 583 -17.22 -26.55 -17.47
N ASP A 584 -17.38 -25.49 -18.26
CA ASP A 584 -18.47 -24.48 -18.10
C ASP A 584 -18.38 -23.93 -16.68
N SER A 585 -17.16 -23.56 -16.27
CA SER A 585 -16.87 -23.07 -14.89
C SER A 585 -16.85 -21.55 -14.90
N ARG A 586 -17.79 -20.96 -14.17
CA ARG A 586 -17.80 -19.50 -13.93
C ARG A 586 -16.82 -19.14 -12.81
N LEU A 587 -16.05 -20.12 -12.31
CA LEU A 587 -15.00 -19.87 -11.30
C LEU A 587 -13.86 -19.10 -11.95
N SER A 588 -13.64 -17.87 -11.49
CA SER A 588 -12.52 -17.01 -11.94
C SER A 588 -11.37 -17.10 -10.94
N GLU A 589 -10.28 -16.41 -11.26
CA GLU A 589 -9.12 -16.29 -10.36
C GLU A 589 -9.54 -15.63 -9.05
N VAL A 590 -10.52 -14.72 -9.10
CA VAL A 590 -10.98 -13.99 -7.89
C VAL A 590 -11.56 -15.00 -6.89
N ASP A 591 -12.34 -15.95 -7.39
CA ASP A 591 -12.96 -16.99 -6.52
C ASP A 591 -11.83 -17.91 -6.04
N ARG A 592 -10.95 -18.29 -6.97
CA ARG A 592 -9.99 -19.38 -6.70
C ARG A 592 -8.96 -18.96 -5.65
N ILE A 593 -8.58 -17.69 -5.61
CA ILE A 593 -7.55 -17.20 -4.66
C ILE A 593 -8.10 -17.07 -3.24
N ARG A 594 -9.41 -17.10 -3.04
CA ARG A 594 -9.97 -17.09 -1.67
C ARG A 594 -10.55 -18.46 -1.28
N GLY A 595 -10.79 -19.34 -2.25
CA GLY A 595 -11.14 -20.75 -1.94
C GLY A 595 -12.60 -20.98 -1.64
N PHE A 596 -13.45 -19.98 -1.86
CA PHE A 596 -14.90 -20.11 -1.62
C PHE A 596 -15.62 -19.22 -2.61
N VAL A 597 -16.91 -19.45 -2.73
CA VAL A 597 -17.82 -18.62 -3.58
C VAL A 597 -19.06 -18.33 -2.76
N LEU A 598 -19.52 -17.09 -2.82
CA LEU A 598 -20.81 -16.70 -2.24
C LEU A 598 -21.91 -17.12 -3.21
N LYS A 599 -22.95 -17.77 -2.68
CA LYS A 599 -24.18 -18.09 -3.45
C LYS A 599 -25.24 -17.07 -3.08
N LYS A 600 -25.60 -16.21 -4.02
CA LYS A 600 -26.55 -15.09 -3.80
C LYS A 600 -27.94 -15.55 -4.21
N THR A 601 -28.50 -16.45 -3.41
CA THR A 601 -29.74 -17.16 -3.79
C THR A 601 -30.92 -16.20 -3.83
N ALA A 602 -31.11 -15.40 -2.78
CA ALA A 602 -32.26 -14.47 -2.71
C ALA A 602 -31.79 -13.10 -2.29
N MET A 603 -32.56 -12.09 -2.67
CA MET A 603 -32.21 -10.71 -2.31
C MET A 603 -33.45 -9.83 -2.43
N ALA A 604 -33.86 -9.22 -1.33
CA ALA A 604 -34.93 -8.21 -1.38
C ALA A 604 -34.27 -6.85 -1.67
N VAL A 605 -35.03 -6.00 -2.35
CA VAL A 605 -34.58 -4.62 -2.70
C VAL A 605 -35.64 -3.64 -2.21
N MET A 606 -35.22 -2.66 -1.42
CA MET A 606 -36.02 -1.47 -1.10
C MET A 606 -35.43 -0.27 -1.85
N ASP A 607 -36.18 0.27 -2.80
CA ASP A 607 -35.78 1.45 -3.61
C ASP A 607 -36.48 2.70 -3.06
N CYS A 608 -36.12 3.84 -3.61
CA CYS A 608 -36.81 5.15 -3.40
C CYS A 608 -36.98 5.42 -1.90
N1 UPG B . 5.17 -1.04 -4.87
C2 UPG B . 5.12 -0.21 -5.97
N3 UPG B . 6.20 -0.30 -6.80
C4 UPG B . 7.30 -1.13 -6.66
C5 UPG B . 7.27 -1.96 -5.49
C6 UPG B . 6.24 -1.88 -4.65
O2 UPG B . 4.20 0.56 -6.17
O4 UPG B . 8.19 -1.09 -7.49
C1C UPG B . 4.04 -0.99 -3.93
C2C UPG B . 3.08 -2.15 -4.08
O2C UPG B . 2.22 -1.99 -5.19
C3C UPG B . 2.36 -2.04 -2.73
C4C UPG B . 3.50 -1.64 -1.77
O4C UPG B . 4.55 -1.13 -2.62
O3C UPG B . 1.36 -1.04 -2.77
C5C UPG B . 4.06 -2.72 -0.88
O5C UPG B . 4.74 -3.71 -1.68
PA UPG B . 4.71 -5.19 -1.06
O1A UPG B . 5.56 -6.08 -1.90
O2A UPG B . 3.31 -5.59 -0.81
O3A UPG B . 5.43 -4.97 0.34
PB UPG B . 6.96 -4.82 0.79
O1B UPG B . 7.60 -3.74 -0.01
O2B UPG B . 7.60 -6.16 0.73
O3B UPG B . 6.85 -4.33 2.30
C1' UPG B . 6.28 -3.08 2.60
C2' UPG B . 7.27 -2.32 3.48
C3' UPG B . 7.39 -2.99 4.83
C4' UPG B . 6.02 -3.11 5.46
C5' UPG B . 5.10 -3.88 4.53
C6' UPG B . 3.68 -3.93 5.05
O2' UPG B . 8.53 -2.23 2.84
O3' UPG B . 8.23 -2.21 5.68
O4' UPG B . 6.12 -3.80 6.70
O5' UPG B . 5.04 -3.22 3.26
O6' UPG B . 2.82 -4.61 4.15
V VO4 C . 12.32 -10.82 -8.90
O1 VO4 C . 11.64 -9.82 -7.42
O2 VO4 C . 11.50 -12.55 -8.91
O3 VO4 C . 11.91 -9.91 -10.52
O4 VO4 C . 14.22 -11.01 -8.72
MG MG D . 10.36 -9.19 -12.40
#